data_2OAD
#
_entry.id   2OAD
#
_cell.length_a   56.631
_cell.length_b   77.031
_cell.length_c   101.609
_cell.angle_alpha   90.000
_cell.angle_beta   90.000
_cell.angle_gamma   90.000
#
_symmetry.space_group_name_H-M   'P 21 21 21'
#
loop_
_entity.id
_entity.type
_entity.pdbx_description
1 polymer 'Glutathione S-transferase P 1'
2 non-polymer S-(P-NITROBENZYL)GLUTATHIONE
3 water water
#
_entity_poly.entity_id   1
_entity_poly.type   'polypeptide(L)'
_entity_poly.pdbx_seq_one_letter_code
;PPYTIVYFPVRGRCEAMRMLLADQGQSWKEEVVTIDTWMQGLLKPTCLYGQLPKFEDGDLTLYQSNAILRHLGRSLGLYG
KNQREAAQMDMVNDGVEDLRGKYVTLIYTNYENGKNDYVKALPGHLKPFETLLSQNQGGKAFIVGDQISFADYNLLDLLL
IHQVLAPGALDNFPLLSAYVARLSARPKIKAFLSSPEHVNRPINGNGKQ
;
_entity_poly.pdbx_strand_id   A,B
#
loop_
_chem_comp.id
_chem_comp.type
_chem_comp.name
_chem_comp.formula
GTB non-polymer S-(P-NITROBENZYL)GLUTATHIONE 'C17 H22 N4 O8 S'
#
# COMPACT_ATOMS: atom_id res chain seq x y z
N PRO A 1 -17.46 15.94 -1.12
CA PRO A 1 -18.75 15.37 -1.56
C PRO A 1 -19.22 16.00 -2.87
N PRO A 2 -20.20 15.36 -3.54
CA PRO A 2 -20.84 14.10 -3.14
C PRO A 2 -19.88 12.93 -3.29
N TYR A 3 -20.13 11.84 -2.58
CA TYR A 3 -19.28 10.64 -2.66
C TYR A 3 -19.99 9.56 -3.46
N THR A 4 -19.24 8.91 -4.34
CA THR A 4 -19.77 7.82 -5.16
C THR A 4 -18.78 6.66 -5.22
N ILE A 5 -19.25 5.48 -4.85
CA ILE A 5 -18.44 4.26 -4.86
C ILE A 5 -18.88 3.37 -6.02
N VAL A 6 -17.94 3.08 -6.91
CA VAL A 6 -18.17 2.22 -8.07
C VAL A 6 -17.45 0.92 -7.76
N TYR A 7 -18.21 -0.15 -7.51
CA TYR A 7 -17.62 -1.44 -7.15
C TYR A 7 -18.58 -2.59 -7.41
N PHE A 8 -18.03 -3.80 -7.34
CA PHE A 8 -18.79 -5.02 -7.52
C PHE A 8 -19.72 -5.13 -6.32
N PRO A 9 -20.78 -5.95 -6.42
CA PRO A 9 -21.73 -6.12 -5.33
C PRO A 9 -21.20 -6.98 -4.17
N VAL A 10 -20.11 -6.54 -3.54
CA VAL A 10 -19.54 -7.28 -2.42
C VAL A 10 -18.97 -6.30 -1.39
N ARG A 11 -18.59 -6.81 -0.22
CA ARG A 11 -18.01 -5.95 0.79
C ARG A 11 -16.57 -5.68 0.35
N GLY A 12 -15.77 -6.74 0.27
CA GLY A 12 -14.39 -6.65 -0.16
C GLY A 12 -13.59 -5.42 0.26
N ARG A 13 -12.99 -4.75 -0.73
CA ARG A 13 -12.17 -3.57 -0.48
C ARG A 13 -12.95 -2.27 -0.28
N CYS A 14 -14.27 -2.36 -0.18
CA CYS A 14 -15.09 -1.18 0.03
C CYS A 14 -15.80 -1.11 1.37
N GLU A 15 -15.88 -2.21 2.09
CA GLU A 15 -16.59 -2.19 3.36
C GLU A 15 -15.93 -1.26 4.38
N ALA A 16 -14.60 -1.16 4.35
CA ALA A 16 -13.89 -0.29 5.27
C ALA A 16 -14.25 1.18 5.02
N MET A 17 -14.18 1.62 3.75
CA MET A 17 -14.48 3.02 3.44
C MET A 17 -15.94 3.39 3.71
N ARG A 18 -16.81 2.39 3.61
CA ARG A 18 -18.24 2.59 3.89
C ARG A 18 -18.45 2.80 5.38
N MET A 19 -17.75 2.04 6.21
CA MET A 19 -17.89 2.21 7.66
C MET A 19 -17.36 3.57 8.06
N LEU A 20 -16.30 4.01 7.38
CA LEU A 20 -15.70 5.31 7.68
C LEU A 20 -16.68 6.42 7.34
N LEU A 21 -17.24 6.37 6.14
CA LEU A 21 -18.21 7.36 5.72
C LEU A 21 -19.44 7.36 6.61
N ALA A 22 -19.87 6.17 7.00
CA ALA A 22 -21.05 6.07 7.85
C ALA A 22 -20.78 6.60 9.26
N ASP A 23 -19.59 6.29 9.80
CA ASP A 23 -19.23 6.72 11.15
C ASP A 23 -18.95 8.23 11.22
N GLN A 24 -18.82 8.85 10.05
CA GLN A 24 -18.56 10.29 9.98
C GLN A 24 -19.83 11.03 9.55
N GLY A 25 -20.95 10.32 9.62
CA GLY A 25 -22.25 10.89 9.26
C GLY A 25 -22.37 11.36 7.82
N GLN A 26 -21.60 10.74 6.93
CA GLN A 26 -21.62 11.10 5.52
C GLN A 26 -22.48 10.13 4.74
N SER A 27 -23.13 10.63 3.69
CA SER A 27 -23.97 9.79 2.85
C SER A 27 -23.21 9.62 1.54
N TRP A 28 -23.49 8.54 0.81
CA TRP A 28 -22.81 8.31 -0.47
C TRP A 28 -23.70 7.53 -1.43
N LYS A 29 -23.37 7.58 -2.71
CA LYS A 29 -24.13 6.86 -3.71
C LYS A 29 -23.35 5.61 -4.11
N GLU A 30 -24.07 4.50 -4.28
CA GLU A 30 -23.43 3.23 -4.66
C GLU A 30 -23.76 2.89 -6.10
N GLU A 31 -22.73 2.72 -6.92
CA GLU A 31 -22.93 2.31 -8.30
C GLU A 31 -22.43 0.88 -8.38
N VAL A 32 -23.36 -0.06 -8.43
CA VAL A 32 -23.01 -1.47 -8.49
C VAL A 32 -22.71 -1.97 -9.90
N VAL A 33 -21.57 -2.64 -10.05
CA VAL A 33 -21.21 -3.19 -11.35
C VAL A 33 -21.32 -4.70 -11.22
N THR A 34 -22.22 -5.29 -12.03
CA THR A 34 -22.42 -6.72 -12.01
C THR A 34 -21.29 -7.38 -12.80
N ILE A 35 -21.15 -8.70 -12.66
CA ILE A 35 -20.09 -9.39 -13.38
C ILE A 35 -20.39 -9.38 -14.87
N ASP A 36 -21.68 -9.49 -15.19
CA ASP A 36 -22.13 -9.48 -16.57
C ASP A 36 -21.68 -8.20 -17.26
N THR A 37 -21.88 -7.06 -16.59
CA THR A 37 -21.49 -5.77 -17.16
C THR A 37 -19.99 -5.65 -17.29
N TRP A 38 -19.28 -6.18 -16.30
CA TRP A 38 -17.81 -6.14 -16.30
C TRP A 38 -17.22 -7.02 -17.40
N MET A 39 -17.85 -8.18 -17.66
CA MET A 39 -17.36 -9.08 -18.69
C MET A 39 -17.49 -8.48 -20.08
N GLN A 40 -18.43 -7.55 -20.24
CA GLN A 40 -18.61 -6.89 -21.52
C GLN A 40 -17.38 -6.05 -21.87
N GLY A 41 -16.55 -5.79 -20.86
CA GLY A 41 -15.33 -5.04 -21.08
C GLY A 41 -15.43 -3.59 -21.52
N LEU A 42 -16.48 -2.91 -21.10
CA LEU A 42 -16.66 -1.50 -21.47
C LEU A 42 -16.08 -0.60 -20.37
N LEU A 43 -16.48 -0.86 -19.13
CA LEU A 43 -16.00 -0.07 -17.99
C LEU A 43 -14.53 -0.35 -17.67
N LYS A 44 -14.13 -1.61 -17.72
CA LYS A 44 -12.75 -1.98 -17.40
C LYS A 44 -11.65 -1.13 -18.06
N PRO A 45 -11.66 -1.01 -19.39
CA PRO A 45 -10.62 -0.19 -20.01
C PRO A 45 -10.59 1.27 -19.58
N THR A 46 -11.68 1.75 -19.00
CA THR A 46 -11.75 3.15 -18.55
C THR A 46 -11.19 3.36 -17.16
N CYS A 47 -10.92 2.28 -16.44
CA CYS A 47 -10.36 2.37 -15.09
C CYS A 47 -8.83 2.48 -15.20
N LEU A 48 -8.25 3.44 -14.47
CA LEU A 48 -6.81 3.69 -14.48
C LEU A 48 -5.93 2.43 -14.50
N TYR A 49 -6.23 1.48 -13.60
CA TYR A 49 -5.46 0.24 -13.52
C TYR A 49 -6.30 -0.98 -13.95
N GLY A 50 -7.44 -0.72 -14.58
CA GLY A 50 -8.31 -1.78 -15.04
C GLY A 50 -9.07 -2.49 -13.93
N GLN A 51 -9.16 -1.85 -12.77
CA GLN A 51 -9.84 -2.45 -11.64
C GLN A 51 -10.69 -1.51 -10.79
N LEU A 52 -11.53 -2.12 -9.96
CA LEU A 52 -12.40 -1.40 -9.05
C LEU A 52 -11.89 -1.71 -7.65
N PRO A 53 -12.31 -0.94 -6.64
CA PRO A 53 -13.24 0.19 -6.72
C PRO A 53 -12.75 1.49 -7.35
N LYS A 54 -13.72 2.27 -7.81
CA LYS A 54 -13.49 3.58 -8.39
C LYS A 54 -14.26 4.48 -7.43
N PHE A 55 -13.67 5.61 -7.09
CA PHE A 55 -14.28 6.54 -6.15
C PHE A 55 -14.41 7.95 -6.72
N GLU A 56 -15.56 8.57 -6.49
CA GLU A 56 -15.77 9.92 -6.98
C GLU A 56 -16.10 10.83 -5.82
N ASP A 57 -15.29 11.87 -5.64
CA ASP A 57 -15.50 12.84 -4.58
C ASP A 57 -15.55 14.20 -5.26
N GLY A 58 -16.76 14.63 -5.59
CA GLY A 58 -16.91 15.91 -6.26
C GLY A 58 -16.31 15.84 -7.65
N ASP A 59 -15.25 16.63 -7.85
CA ASP A 59 -14.57 16.69 -9.14
C ASP A 59 -13.37 15.74 -9.20
N LEU A 60 -13.07 15.10 -8.07
CA LEU A 60 -11.95 14.18 -7.98
C LEU A 60 -12.34 12.71 -8.17
N THR A 61 -11.63 12.05 -9.07
CA THR A 61 -11.88 10.64 -9.35
C THR A 61 -10.65 9.84 -8.94
N LEU A 62 -10.85 8.87 -8.06
CA LEU A 62 -9.74 8.06 -7.57
C LEU A 62 -9.90 6.56 -7.77
N TYR A 63 -8.77 5.87 -7.74
CA TYR A 63 -8.70 4.43 -7.87
C TYR A 63 -7.76 3.97 -6.74
N GLN A 64 -7.70 2.67 -6.51
CA GLN A 64 -6.87 2.09 -5.46
C GLN A 64 -7.53 2.34 -4.11
N SER A 65 -8.08 1.28 -3.53
CA SER A 65 -8.78 1.35 -2.26
C SER A 65 -8.04 2.06 -1.13
N ASN A 66 -6.75 1.79 -0.99
CA ASN A 66 -6.00 2.43 0.09
C ASN A 66 -5.80 3.92 -0.15
N ALA A 67 -5.74 4.31 -1.41
CA ALA A 67 -5.60 5.73 -1.76
C ALA A 67 -6.90 6.44 -1.37
N ILE A 68 -8.02 5.79 -1.63
CA ILE A 68 -9.35 6.31 -1.31
C ILE A 68 -9.50 6.46 0.21
N LEU A 69 -9.08 5.44 0.95
CA LEU A 69 -9.14 5.49 2.40
C LEU A 69 -8.34 6.68 2.93
N ARG A 70 -7.10 6.83 2.45
CA ARG A 70 -6.23 7.92 2.87
C ARG A 70 -6.78 9.28 2.49
N HIS A 71 -7.48 9.33 1.36
CA HIS A 71 -8.05 10.58 0.92
C HIS A 71 -9.15 10.99 1.90
N LEU A 72 -10.01 10.04 2.23
CA LEU A 72 -11.09 10.29 3.17
C LEU A 72 -10.51 10.64 4.54
N GLY A 73 -9.44 9.97 4.93
CA GLY A 73 -8.83 10.25 6.22
C GLY A 73 -8.25 11.65 6.30
N ARG A 74 -7.59 12.06 5.22
CA ARG A 74 -6.98 13.37 5.14
C ARG A 74 -8.03 14.48 5.09
N SER A 75 -9.03 14.30 4.22
CA SER A 75 -10.08 15.32 4.07
C SER A 75 -11.06 15.41 5.24
N LEU A 76 -11.39 14.27 5.85
CA LEU A 76 -12.33 14.26 6.97
C LEU A 76 -11.66 14.35 8.34
N GLY A 77 -10.35 14.58 8.35
CA GLY A 77 -9.64 14.70 9.61
C GLY A 77 -9.52 13.42 10.41
N LEU A 78 -9.09 12.35 9.76
CA LEU A 78 -8.93 11.06 10.41
C LEU A 78 -7.54 10.54 10.08
N TYR A 79 -6.54 11.41 10.18
CA TYR A 79 -5.18 11.04 9.86
C TYR A 79 -4.16 11.51 10.90
N GLY A 80 -4.55 11.45 12.17
CA GLY A 80 -3.64 11.85 13.23
C GLY A 80 -3.59 13.35 13.45
N LYS A 81 -2.85 13.77 14.48
CA LYS A 81 -2.71 15.18 14.82
C LYS A 81 -1.35 15.73 14.42
N ASN A 82 -0.48 14.89 13.88
CA ASN A 82 0.84 15.33 13.47
C ASN A 82 1.52 14.32 12.57
N GLN A 83 2.67 14.69 12.01
CA GLN A 83 3.42 13.83 11.12
C GLN A 83 3.80 12.49 11.72
N ARG A 84 4.16 12.49 13.00
CA ARG A 84 4.55 11.26 13.67
C ARG A 84 3.42 10.23 13.67
N GLU A 85 2.21 10.67 13.97
CA GLU A 85 1.06 9.77 14.00
C GLU A 85 0.65 9.35 12.60
N ALA A 86 0.78 10.28 11.65
CA ALA A 86 0.42 9.99 10.27
C ALA A 86 1.29 8.84 9.77
N ALA A 87 2.58 8.87 10.10
CA ALA A 87 3.50 7.83 9.68
C ALA A 87 3.13 6.49 10.32
N GLN A 88 2.82 6.51 11.60
CA GLN A 88 2.44 5.29 12.31
C GLN A 88 1.15 4.71 11.75
N MET A 89 0.23 5.59 11.33
CA MET A 89 -1.03 5.14 10.76
C MET A 89 -0.78 4.45 9.42
N ASP A 90 0.18 4.96 8.64
CA ASP A 90 0.52 4.37 7.36
C ASP A 90 1.15 3.00 7.57
N MET A 91 1.96 2.88 8.61
CA MET A 91 2.62 1.62 8.92
C MET A 91 1.57 0.57 9.30
N VAL A 92 0.56 1.02 10.04
CA VAL A 92 -0.52 0.13 10.47
C VAL A 92 -1.31 -0.29 9.23
N ASN A 93 -1.70 0.69 8.41
CA ASN A 93 -2.48 0.39 7.21
C ASN A 93 -1.78 -0.48 6.19
N ASP A 94 -0.46 -0.35 6.08
CA ASP A 94 0.26 -1.17 5.13
C ASP A 94 0.21 -2.62 5.63
N GLY A 95 0.35 -2.80 6.95
CA GLY A 95 0.27 -4.12 7.53
C GLY A 95 -1.10 -4.71 7.29
N VAL A 96 -2.14 -3.90 7.46
CA VAL A 96 -3.50 -4.36 7.21
C VAL A 96 -3.61 -4.87 5.78
N GLU A 97 -3.12 -4.06 4.83
CA GLU A 97 -3.16 -4.40 3.40
C GLU A 97 -2.40 -5.69 3.06
N ASP A 98 -1.27 -5.92 3.71
CA ASP A 98 -0.49 -7.13 3.44
C ASP A 98 -1.32 -8.35 3.81
N LEU A 99 -1.99 -8.31 4.95
CA LEU A 99 -2.82 -9.43 5.39
C LEU A 99 -4.05 -9.58 4.48
N ARG A 100 -4.68 -8.46 4.12
CA ARG A 100 -5.85 -8.54 3.25
C ARG A 100 -5.48 -9.23 1.94
N GLY A 101 -4.32 -8.87 1.39
CA GLY A 101 -3.87 -9.47 0.14
C GLY A 101 -3.78 -10.99 0.24
N LYS A 102 -3.27 -11.48 1.36
CA LYS A 102 -3.14 -12.92 1.56
C LYS A 102 -4.51 -13.52 1.79
N TYR A 103 -5.36 -12.79 2.50
CA TYR A 103 -6.72 -13.26 2.74
C TYR A 103 -7.40 -13.42 1.40
N VAL A 104 -7.33 -12.38 0.58
CA VAL A 104 -7.94 -12.41 -0.74
C VAL A 104 -7.44 -13.59 -1.56
N THR A 105 -6.12 -13.76 -1.62
CA THR A 105 -5.54 -14.86 -2.37
C THR A 105 -6.11 -16.19 -1.87
N LEU A 106 -6.29 -16.33 -0.57
CA LEU A 106 -6.84 -17.56 -0.01
C LEU A 106 -8.27 -17.77 -0.46
N ILE A 107 -9.11 -16.76 -0.28
CA ILE A 107 -10.52 -16.83 -0.66
C ILE A 107 -10.76 -17.17 -2.12
N TYR A 108 -10.11 -16.44 -3.01
CA TYR A 108 -10.33 -16.62 -4.45
C TYR A 108 -9.53 -17.67 -5.22
N THR A 109 -8.44 -18.19 -4.66
CA THR A 109 -7.65 -19.15 -5.43
C THR A 109 -7.18 -20.42 -4.73
N ASN A 110 -7.39 -20.53 -3.42
CA ASN A 110 -6.94 -21.72 -2.72
C ASN A 110 -7.64 -21.91 -1.37
N TYR A 111 -8.95 -21.73 -1.36
CA TYR A 111 -9.72 -21.85 -0.13
C TYR A 111 -9.74 -23.21 0.57
N GLU A 112 -10.11 -24.26 -0.15
CA GLU A 112 -10.19 -25.59 0.45
C GLU A 112 -8.87 -26.26 0.80
N ASN A 113 -7.81 -25.99 0.02
CA ASN A 113 -6.52 -26.61 0.28
C ASN A 113 -5.57 -25.74 1.12
N GLY A 114 -5.92 -24.48 1.32
CA GLY A 114 -5.03 -23.61 2.08
C GLY A 114 -5.60 -22.96 3.31
N LYS A 115 -6.86 -23.26 3.64
CA LYS A 115 -7.48 -22.64 4.80
C LYS A 115 -6.85 -23.09 6.11
N ASN A 116 -6.65 -24.40 6.27
CA ASN A 116 -6.06 -24.90 7.50
C ASN A 116 -4.71 -24.25 7.77
N ASP A 117 -3.84 -24.23 6.75
CA ASP A 117 -2.53 -23.62 6.89
C ASP A 117 -2.70 -22.15 7.25
N TYR A 118 -3.57 -21.47 6.51
CA TYR A 118 -3.80 -20.04 6.73
C TYR A 118 -4.23 -19.76 8.15
N VAL A 119 -5.24 -20.48 8.64
CA VAL A 119 -5.71 -20.26 9.99
C VAL A 119 -4.59 -20.58 10.98
N LYS A 120 -3.74 -21.54 10.63
CA LYS A 120 -2.62 -21.92 11.50
C LYS A 120 -1.61 -20.78 11.67
N ALA A 121 -1.33 -20.09 10.58
CA ALA A 121 -0.36 -19.01 10.65
C ALA A 121 -1.00 -17.67 10.96
N LEU A 122 -2.32 -17.63 11.10
CA LEU A 122 -3.01 -16.37 11.36
C LEU A 122 -2.61 -15.62 12.63
N PRO A 123 -2.49 -16.32 13.78
CA PRO A 123 -2.11 -15.60 15.00
C PRO A 123 -0.81 -14.81 14.86
N GLY A 124 0.13 -15.35 14.09
CA GLY A 124 1.39 -14.66 13.88
C GLY A 124 1.21 -13.37 13.11
N HIS A 125 0.19 -13.31 12.26
CA HIS A 125 -0.07 -12.12 11.47
C HIS A 125 -0.94 -11.09 12.20
N LEU A 126 -1.60 -11.54 13.27
CA LEU A 126 -2.46 -10.65 14.06
C LEU A 126 -1.73 -10.07 15.27
N LYS A 127 -0.73 -10.80 15.76
CA LYS A 127 0.05 -10.36 16.93
C LYS A 127 0.59 -8.93 16.80
N PRO A 128 1.11 -8.56 15.61
CA PRO A 128 1.63 -7.20 15.49
C PRO A 128 0.61 -6.15 15.90
N PHE A 129 -0.66 -6.37 15.54
CA PHE A 129 -1.70 -5.42 15.87
C PHE A 129 -2.02 -5.40 17.37
N GLU A 130 -1.91 -6.55 18.01
CA GLU A 130 -2.14 -6.66 19.45
C GLU A 130 -1.04 -5.84 20.15
N THR A 131 0.19 -5.99 19.64
CA THR A 131 1.35 -5.29 20.16
C THR A 131 1.19 -3.77 20.00
N LEU A 132 0.74 -3.37 18.81
CA LEU A 132 0.52 -1.96 18.54
C LEU A 132 -0.45 -1.36 19.56
N LEU A 133 -1.57 -2.04 19.80
CA LEU A 133 -2.54 -1.55 20.78
C LEU A 133 -1.95 -1.45 22.18
N SER A 134 -1.21 -2.49 22.58
CA SER A 134 -0.61 -2.50 23.91
C SER A 134 0.33 -1.32 24.12
N GLN A 135 0.91 -0.84 23.02
CA GLN A 135 1.84 0.29 23.07
C GLN A 135 1.14 1.64 23.05
N ASN A 136 -0.15 1.66 22.74
CA ASN A 136 -0.90 2.92 22.69
C ASN A 136 -2.00 2.97 23.75
N GLN A 137 -1.76 3.76 24.79
CA GLN A 137 -2.74 3.93 25.87
C GLN A 137 -3.12 2.60 26.50
N GLY A 138 -2.20 1.64 26.47
CA GLY A 138 -2.48 0.34 27.06
C GLY A 138 -3.47 -0.45 26.23
N GLY A 139 -3.83 0.07 25.05
CA GLY A 139 -4.76 -0.61 24.17
C GLY A 139 -6.22 -0.26 24.42
N LYS A 140 -6.46 0.82 25.15
CA LYS A 140 -7.82 1.24 25.46
C LYS A 140 -8.31 2.36 24.54
N ALA A 141 -7.50 2.72 23.55
CA ALA A 141 -7.87 3.78 22.62
C ALA A 141 -8.05 3.26 21.19
N PHE A 142 -7.26 3.78 20.26
CA PHE A 142 -7.33 3.35 18.87
C PHE A 142 -6.01 2.72 18.48
N ILE A 143 -5.85 2.37 17.20
CA ILE A 143 -4.62 1.74 16.76
C ILE A 143 -3.46 2.72 16.84
N VAL A 144 -3.75 4.00 16.63
CA VAL A 144 -2.73 5.04 16.73
C VAL A 144 -3.35 6.30 17.34
N GLY A 145 -2.79 6.77 18.44
CA GLY A 145 -3.31 7.97 19.08
C GLY A 145 -4.62 7.79 19.82
N ASP A 146 -5.25 8.91 20.17
CA ASP A 146 -6.52 8.89 20.91
C ASP A 146 -7.72 9.27 20.04
N GLN A 147 -7.48 9.41 18.73
CA GLN A 147 -8.54 9.75 17.79
C GLN A 147 -8.63 8.65 16.73
N ILE A 148 -9.84 8.26 16.36
CA ILE A 148 -10.02 7.21 15.36
C ILE A 148 -9.45 7.70 14.03
N SER A 149 -8.91 6.80 13.23
CA SER A 149 -8.34 7.15 11.93
C SER A 149 -8.76 6.15 10.87
N PHE A 150 -8.46 6.46 9.61
CA PHE A 150 -8.80 5.57 8.51
C PHE A 150 -8.24 4.17 8.76
N ALA A 151 -7.07 4.10 9.39
CA ALA A 151 -6.43 2.82 9.68
C ALA A 151 -7.32 1.97 10.55
N ASP A 152 -7.99 2.61 11.51
CA ASP A 152 -8.89 1.90 12.40
C ASP A 152 -10.00 1.19 11.63
N TYR A 153 -10.61 1.89 10.68
CA TYR A 153 -11.70 1.29 9.89
C TYR A 153 -11.21 0.12 9.05
N ASN A 154 -10.02 0.28 8.45
CA ASN A 154 -9.46 -0.79 7.62
C ASN A 154 -9.10 -1.98 8.51
N LEU A 155 -8.49 -1.71 9.68
CA LEU A 155 -8.11 -2.78 10.60
C LEU A 155 -9.36 -3.46 11.16
N LEU A 156 -10.37 -2.67 11.52
CA LEU A 156 -11.60 -3.23 12.04
C LEU A 156 -12.19 -4.21 11.02
N ASP A 157 -12.29 -3.76 9.76
CA ASP A 157 -12.84 -4.65 8.72
C ASP A 157 -12.04 -5.93 8.60
N LEU A 158 -10.71 -5.80 8.58
CA LEU A 158 -9.83 -6.95 8.46
C LEU A 158 -10.09 -7.96 9.57
N LEU A 159 -10.22 -7.45 10.80
CA LEU A 159 -10.48 -8.33 11.96
C LEU A 159 -11.84 -8.99 11.90
N LEU A 160 -12.84 -8.25 11.44
CA LEU A 160 -14.21 -8.78 11.35
C LEU A 160 -14.35 -9.93 10.35
N ILE A 161 -13.76 -9.79 9.17
CA ILE A 161 -13.84 -10.85 8.18
C ILE A 161 -12.98 -12.04 8.61
N HIS A 162 -11.94 -11.83 9.40
CA HIS A 162 -11.14 -12.96 9.83
C HIS A 162 -11.84 -13.74 10.96
N GLN A 163 -12.73 -13.08 11.68
CA GLN A 163 -13.47 -13.76 12.75
C GLN A 163 -14.51 -14.67 12.10
N VAL A 164 -14.86 -14.35 10.86
CA VAL A 164 -15.82 -15.16 10.12
C VAL A 164 -15.07 -16.33 9.51
N LEU A 165 -13.84 -16.08 9.08
CA LEU A 165 -13.01 -17.13 8.49
C LEU A 165 -12.61 -18.12 9.56
N ALA A 166 -12.28 -17.59 10.75
CA ALA A 166 -11.87 -18.40 11.89
C ALA A 166 -12.51 -17.85 13.17
N PRO A 167 -13.63 -18.46 13.60
CA PRO A 167 -14.39 -18.08 14.79
C PRO A 167 -13.58 -17.67 16.03
N GLY A 168 -12.64 -18.49 16.45
CA GLY A 168 -11.84 -18.12 17.62
C GLY A 168 -10.57 -17.36 17.28
N ALA A 169 -10.61 -16.57 16.22
CA ALA A 169 -9.43 -15.81 15.79
C ALA A 169 -8.84 -14.91 16.86
N LEU A 170 -9.67 -14.17 17.58
CA LEU A 170 -9.17 -13.26 18.60
C LEU A 170 -9.21 -13.82 20.02
N ASP A 171 -9.39 -15.13 20.15
CA ASP A 171 -9.44 -15.72 21.49
C ASP A 171 -8.21 -15.35 22.31
N ASN A 172 -7.02 -15.49 21.71
CA ASN A 172 -5.77 -15.20 22.41
C ASN A 172 -5.26 -13.78 22.18
N PHE A 173 -6.16 -12.88 21.81
CA PHE A 173 -5.79 -11.48 21.57
C PHE A 173 -6.81 -10.58 22.28
N PRO A 174 -6.68 -10.47 23.62
CA PRO A 174 -7.54 -9.64 24.47
C PRO A 174 -7.70 -8.20 24.01
N LEU A 175 -6.60 -7.55 23.68
CA LEU A 175 -6.67 -6.16 23.23
C LEU A 175 -7.45 -6.06 21.92
N LEU A 176 -7.12 -6.89 20.94
CA LEU A 176 -7.82 -6.87 19.66
C LEU A 176 -9.31 -7.25 19.84
N SER A 177 -9.61 -8.21 20.69
CA SER A 177 -11.01 -8.60 20.90
C SER A 177 -11.82 -7.45 21.47
N ALA A 178 -11.28 -6.79 22.49
CA ALA A 178 -11.96 -5.66 23.12
C ALA A 178 -12.01 -4.49 22.16
N TYR A 179 -10.98 -4.38 21.31
CA TYR A 179 -10.89 -3.33 20.33
C TYR A 179 -12.06 -3.46 19.35
N VAL A 180 -12.20 -4.64 18.75
CA VAL A 180 -13.28 -4.90 17.80
C VAL A 180 -14.64 -4.60 18.44
N ALA A 181 -14.89 -5.15 19.61
CA ALA A 181 -16.17 -4.94 20.28
C ALA A 181 -16.40 -3.46 20.58
N ARG A 182 -15.37 -2.79 21.07
CA ARG A 182 -15.46 -1.37 21.41
C ARG A 182 -15.85 -0.52 20.19
N LEU A 183 -15.16 -0.72 19.08
CA LEU A 183 -15.47 0.04 17.87
C LEU A 183 -16.82 -0.38 17.27
N SER A 184 -17.16 -1.65 17.38
CA SER A 184 -18.42 -2.15 16.84
C SER A 184 -19.62 -1.57 17.60
N ALA A 185 -19.37 -1.09 18.81
CA ALA A 185 -20.42 -0.50 19.65
C ALA A 185 -20.66 0.96 19.31
N ARG A 186 -19.76 1.54 18.51
CA ARG A 186 -19.92 2.93 18.12
C ARG A 186 -21.26 3.00 17.37
N PRO A 187 -22.19 3.84 17.87
CA PRO A 187 -23.53 4.06 17.33
C PRO A 187 -23.64 3.99 15.79
N LYS A 188 -22.89 4.84 15.10
CA LYS A 188 -22.95 4.85 13.64
C LYS A 188 -22.43 3.56 13.04
N ILE A 189 -21.46 2.93 13.70
CA ILE A 189 -20.90 1.68 13.19
C ILE A 189 -21.91 0.56 13.43
N LYS A 190 -22.42 0.46 14.65
CA LYS A 190 -23.40 -0.56 15.00
C LYS A 190 -24.58 -0.50 14.03
N ALA A 191 -25.05 0.71 13.75
CA ALA A 191 -26.17 0.91 12.84
C ALA A 191 -25.81 0.44 11.42
N PHE A 192 -24.56 0.68 11.03
CA PHE A 192 -24.08 0.27 9.72
C PHE A 192 -24.00 -1.24 9.60
N LEU A 193 -23.38 -1.86 10.60
CA LEU A 193 -23.23 -3.30 10.63
C LEU A 193 -24.58 -4.01 10.76
N SER A 194 -25.62 -3.23 11.02
CA SER A 194 -26.96 -3.78 11.19
C SER A 194 -27.86 -3.47 10.00
N SER A 195 -27.45 -2.51 9.18
CA SER A 195 -28.25 -2.11 8.03
C SER A 195 -28.38 -3.23 7.00
N PRO A 196 -29.50 -3.26 6.26
CA PRO A 196 -29.69 -4.29 5.25
C PRO A 196 -28.69 -4.19 4.09
N GLU A 197 -28.32 -2.97 3.72
CA GLU A 197 -27.36 -2.79 2.63
C GLU A 197 -26.08 -3.57 2.91
N HIS A 198 -25.70 -3.59 4.19
CA HIS A 198 -24.50 -4.29 4.64
C HIS A 198 -24.75 -5.78 4.81
N VAL A 199 -25.84 -6.12 5.50
CA VAL A 199 -26.17 -7.52 5.74
C VAL A 199 -26.38 -8.30 4.44
N ASN A 200 -27.08 -7.69 3.50
CA ASN A 200 -27.39 -8.32 2.22
C ASN A 200 -26.19 -8.48 1.30
N ARG A 201 -25.14 -7.71 1.56
CA ARG A 201 -23.94 -7.75 0.74
C ARG A 201 -22.99 -8.87 1.17
N PRO A 202 -22.65 -9.76 0.23
CA PRO A 202 -21.74 -10.86 0.55
C PRO A 202 -20.34 -10.34 0.81
N ILE A 203 -19.57 -11.04 1.63
CA ILE A 203 -18.22 -10.59 1.94
C ILE A 203 -17.34 -10.58 0.70
N ASN A 204 -17.33 -11.68 -0.05
CA ASN A 204 -16.53 -11.78 -1.26
C ASN A 204 -17.37 -12.14 -2.48
N GLY A 205 -16.76 -12.09 -3.66
CA GLY A 205 -17.46 -12.38 -4.89
C GLY A 205 -17.80 -13.83 -5.18
N ASN A 206 -17.14 -14.77 -4.51
CA ASN A 206 -17.41 -16.19 -4.74
C ASN A 206 -18.20 -16.79 -3.58
N GLY A 207 -18.76 -15.94 -2.72
CA GLY A 207 -19.52 -16.43 -1.61
C GLY A 207 -18.72 -17.06 -0.47
N LYS A 208 -17.47 -17.43 -0.73
CA LYS A 208 -16.64 -18.05 0.32
C LYS A 208 -16.25 -17.05 1.42
N GLN A 209 -16.12 -17.53 2.65
CA GLN A 209 -15.79 -16.66 3.77
C GLN A 209 -15.18 -17.41 4.95
N PRO B 1 15.79 13.62 11.00
CA PRO B 1 17.17 13.09 11.08
C PRO B 1 17.59 12.82 12.53
N PRO B 2 18.61 11.97 12.75
CA PRO B 2 19.36 11.24 11.72
C PRO B 2 18.58 10.04 11.19
N TYR B 3 18.86 9.67 9.94
CA TYR B 3 18.18 8.56 9.29
C TYR B 3 19.03 7.29 9.25
N THR B 4 18.41 6.18 9.61
CA THR B 4 19.07 4.88 9.59
C THR B 4 18.19 3.90 8.83
N ILE B 5 18.81 3.11 7.96
CA ILE B 5 18.10 2.12 7.18
C ILE B 5 18.62 0.73 7.52
N VAL B 6 17.71 -0.15 7.93
CA VAL B 6 18.06 -1.51 8.28
C VAL B 6 17.42 -2.38 7.20
N TYR B 7 18.25 -3.00 6.36
CA TYR B 7 17.74 -3.80 5.25
C TYR B 7 18.75 -4.88 4.80
N PHE B 8 18.33 -5.68 3.83
CA PHE B 8 19.19 -6.72 3.27
C PHE B 8 20.14 -6.00 2.33
N PRO B 9 21.24 -6.67 1.94
CA PRO B 9 22.25 -6.13 1.04
C PRO B 9 21.80 -6.06 -0.42
N VAL B 10 20.60 -5.53 -0.65
CA VAL B 10 20.05 -5.40 -2.00
C VAL B 10 19.39 -4.04 -2.19
N ARG B 11 19.07 -3.70 -3.42
CA ARG B 11 18.41 -2.43 -3.69
C ARG B 11 16.95 -2.63 -3.27
N GLY B 12 16.33 -3.65 -3.85
CA GLY B 12 14.94 -3.96 -3.52
C GLY B 12 14.00 -2.80 -3.20
N ARG B 13 13.36 -2.86 -2.04
CA ARG B 13 12.39 -1.84 -1.60
C ARG B 13 12.99 -0.62 -0.90
N CYS B 14 14.31 -0.45 -0.98
CA CYS B 14 14.95 0.70 -0.32
C CYS B 14 15.66 1.65 -1.29
N GLU B 15 15.86 1.22 -2.54
CA GLU B 15 16.56 2.10 -3.48
C GLU B 15 15.74 3.36 -3.74
N ALA B 16 14.42 3.23 -3.72
CA ALA B 16 13.56 4.39 -3.93
C ALA B 16 13.77 5.42 -2.82
N MET B 17 13.59 5.01 -1.56
CA MET B 17 13.80 5.93 -0.43
C MET B 17 15.22 6.48 -0.40
N ARG B 18 16.16 5.70 -0.94
CA ARG B 18 17.56 6.11 -0.97
C ARG B 18 17.78 7.22 -1.99
N MET B 19 17.17 7.10 -3.16
CA MET B 19 17.32 8.14 -4.16
C MET B 19 16.68 9.41 -3.62
N LEU B 20 15.51 9.26 -2.99
CA LEU B 20 14.79 10.39 -2.42
C LEU B 20 15.70 11.17 -1.46
N LEU B 21 16.28 10.45 -0.50
CA LEU B 21 17.17 11.05 0.49
C LEU B 21 18.35 11.78 -0.16
N ALA B 22 19.07 11.07 -1.01
CA ALA B 22 20.21 11.64 -1.71
C ALA B 22 19.81 12.87 -2.49
N ASP B 23 18.69 12.78 -3.22
CA ASP B 23 18.24 13.92 -4.02
C ASP B 23 17.87 15.11 -3.16
N GLN B 24 17.57 14.87 -1.89
CA GLN B 24 17.23 15.97 -1.00
C GLN B 24 18.41 16.45 -0.18
N GLY B 25 19.61 16.00 -0.56
CA GLY B 25 20.83 16.41 0.14
C GLY B 25 20.92 15.84 1.54
N GLN B 26 20.24 14.73 1.76
CA GLN B 26 20.25 14.08 3.06
C GLN B 26 21.22 12.90 3.09
N SER B 27 21.80 12.66 4.25
CA SER B 27 22.71 11.54 4.42
C SER B 27 22.08 10.60 5.44
N TRP B 28 22.50 9.33 5.43
CA TRP B 28 21.94 8.36 6.35
C TRP B 28 22.89 7.22 6.65
N LYS B 29 22.52 6.41 7.64
CA LYS B 29 23.31 5.27 8.04
C LYS B 29 22.71 4.02 7.40
N GLU B 30 23.56 3.09 6.99
CA GLU B 30 23.12 1.85 6.36
C GLU B 30 23.52 0.65 7.20
N GLU B 31 22.52 0.04 7.85
CA GLU B 31 22.78 -1.15 8.65
C GLU B 31 22.41 -2.35 7.80
N VAL B 32 23.42 -2.96 7.18
CA VAL B 32 23.20 -4.10 6.32
C VAL B 32 23.03 -5.40 7.11
N VAL B 33 21.94 -6.12 6.80
CA VAL B 33 21.64 -7.39 7.45
C VAL B 33 21.80 -8.51 6.43
N THR B 34 22.79 -9.37 6.65
CA THR B 34 23.04 -10.49 5.75
C THR B 34 22.02 -11.59 5.98
N ILE B 35 21.90 -12.48 4.99
CA ILE B 35 20.96 -13.59 5.08
C ILE B 35 21.29 -14.43 6.30
N ASP B 36 22.57 -14.73 6.46
CA ASP B 36 23.02 -15.56 7.58
C ASP B 36 22.55 -14.99 8.91
N THR B 37 22.76 -13.70 9.11
CA THR B 37 22.35 -13.05 10.35
C THR B 37 20.85 -13.15 10.51
N TRP B 38 20.12 -12.85 9.44
CA TRP B 38 18.67 -12.89 9.45
C TRP B 38 18.19 -14.29 9.85
N MET B 39 18.84 -15.32 9.32
CA MET B 39 18.43 -16.69 9.66
C MET B 39 18.77 -17.08 11.09
N GLN B 40 19.43 -16.18 11.81
CA GLN B 40 19.78 -16.42 13.20
C GLN B 40 18.55 -16.23 14.09
N GLY B 41 17.52 -15.60 13.54
CA GLY B 41 16.28 -15.40 14.27
C GLY B 41 16.25 -14.41 15.42
N LEU B 42 17.22 -13.50 15.48
CA LEU B 42 17.25 -12.51 16.55
C LEU B 42 16.53 -11.22 16.20
N LEU B 43 16.78 -10.71 15.01
CA LEU B 43 16.15 -9.47 14.58
C LEU B 43 14.69 -9.61 14.16
N LYS B 44 14.41 -10.64 13.36
CA LYS B 44 13.05 -10.86 12.85
C LYS B 44 11.96 -10.69 13.90
N PRO B 45 12.02 -11.47 15.01
CA PRO B 45 11.01 -11.35 16.06
C PRO B 45 10.82 -9.94 16.61
N THR B 46 11.82 -9.09 16.43
CA THR B 46 11.74 -7.72 16.95
C THR B 46 11.15 -6.74 15.94
N CYS B 47 10.96 -7.20 14.70
CA CYS B 47 10.38 -6.38 13.64
C CYS B 47 8.85 -6.45 13.75
N LEU B 48 8.19 -5.30 13.67
CA LEU B 48 6.73 -5.24 13.79
C LEU B 48 6.01 -6.34 13.02
N TYR B 49 6.34 -6.49 11.74
CA TYR B 49 5.71 -7.51 10.90
C TYR B 49 6.70 -8.63 10.50
N GLY B 50 7.78 -8.74 11.26
CA GLY B 50 8.77 -9.76 10.98
C GLY B 50 9.53 -9.55 9.68
N GLN B 51 9.53 -8.32 9.17
CA GLN B 51 10.25 -8.08 7.94
C GLN B 51 11.03 -6.78 7.91
N LEU B 52 11.87 -6.66 6.88
CA LEU B 52 12.66 -5.46 6.66
C LEU B 52 12.13 -4.88 5.35
N PRO B 53 12.45 -3.62 5.06
CA PRO B 53 13.28 -2.72 5.86
C PRO B 53 12.67 -2.15 7.15
N LYS B 54 13.58 -1.77 8.04
CA LYS B 54 13.25 -1.14 9.32
C LYS B 54 13.85 0.25 9.16
N PHE B 55 13.20 1.26 9.72
CA PHE B 55 13.67 2.65 9.61
C PHE B 55 13.68 3.38 10.94
N GLU B 56 14.72 4.19 11.16
CA GLU B 56 14.83 4.96 12.39
C GLU B 56 15.13 6.43 12.08
N ASP B 57 14.29 7.32 12.60
CA ASP B 57 14.46 8.75 12.39
C ASP B 57 15.06 9.33 13.66
N GLY B 58 15.32 8.46 14.63
CA GLY B 58 15.89 8.90 15.88
C GLY B 58 15.02 8.45 17.03
N ASP B 59 13.83 9.02 17.13
CA ASP B 59 12.90 8.66 18.19
C ASP B 59 11.78 7.82 17.61
N LEU B 60 11.62 7.88 16.29
CA LEU B 60 10.57 7.13 15.62
C LEU B 60 11.11 5.98 14.78
N THR B 61 10.69 4.75 15.11
CA THR B 61 11.11 3.57 14.38
C THR B 61 9.95 3.19 13.45
N LEU B 62 10.24 3.04 12.16
CA LEU B 62 9.22 2.68 11.17
C LEU B 62 9.50 1.38 10.43
N TYR B 63 8.43 0.83 9.87
CA TYR B 63 8.46 -0.41 9.07
C TYR B 63 7.50 -0.17 7.91
N GLN B 64 7.60 -1.01 6.90
CA GLN B 64 6.78 -0.91 5.70
C GLN B 64 7.42 0.14 4.82
N SER B 65 8.04 -0.30 3.73
CA SER B 65 8.74 0.60 2.80
C SER B 65 7.91 1.77 2.28
N ASN B 66 6.61 1.54 2.10
CA ASN B 66 5.74 2.62 1.61
C ASN B 66 5.38 3.59 2.71
N ALA B 67 5.36 3.13 3.95
CA ALA B 67 5.06 4.02 5.07
C ALA B 67 6.27 4.93 5.21
N ILE B 68 7.46 4.36 5.02
CA ILE B 68 8.70 5.13 5.13
C ILE B 68 8.75 6.18 4.02
N LEU B 69 8.47 5.77 2.80
CA LEU B 69 8.46 6.70 1.67
C LEU B 69 7.51 7.86 1.93
N ARG B 70 6.29 7.53 2.35
CA ARG B 70 5.28 8.54 2.63
C ARG B 70 5.70 9.48 3.75
N HIS B 71 6.35 8.92 4.77
CA HIS B 71 6.82 9.67 5.92
C HIS B 71 7.88 10.69 5.52
N LEU B 72 8.83 10.25 4.71
CA LEU B 72 9.90 11.12 4.24
C LEU B 72 9.32 12.18 3.32
N GLY B 73 8.41 11.76 2.45
CA GLY B 73 7.79 12.69 1.52
C GLY B 73 6.99 13.74 2.25
N ARG B 74 6.30 13.30 3.30
CA ARG B 74 5.48 14.20 4.09
C ARG B 74 6.34 15.19 4.90
N SER B 75 7.35 14.68 5.59
CA SER B 75 8.22 15.55 6.40
C SER B 75 9.22 16.37 5.59
N LEU B 76 9.52 15.94 4.36
CA LEU B 76 10.47 16.68 3.53
C LEU B 76 9.80 17.54 2.47
N GLY B 77 8.47 17.60 2.49
CA GLY B 77 7.75 18.42 1.53
C GLY B 77 7.61 17.88 0.11
N LEU B 78 7.53 16.56 -0.03
CA LEU B 78 7.37 15.93 -1.34
C LEU B 78 6.07 15.16 -1.40
N TYR B 79 4.97 15.81 -1.00
CA TYR B 79 3.66 15.16 -0.98
C TYR B 79 2.59 16.06 -1.59
N GLY B 80 2.98 16.84 -2.59
CA GLY B 80 2.03 17.71 -3.24
C GLY B 80 1.81 19.05 -2.55
N LYS B 81 0.95 19.85 -3.14
CA LYS B 81 0.67 21.18 -2.61
C LYS B 81 -0.73 21.24 -1.99
N ASN B 82 -1.54 20.22 -2.26
CA ASN B 82 -2.90 20.18 -1.73
C ASN B 82 -3.40 18.76 -1.49
N GLN B 83 -4.62 18.65 -0.97
CA GLN B 83 -5.21 17.35 -0.69
C GLN B 83 -5.48 16.57 -1.98
N ARG B 84 -5.84 17.29 -3.04
CA ARG B 84 -6.12 16.65 -4.31
C ARG B 84 -4.88 15.96 -4.88
N GLU B 85 -3.73 16.64 -4.84
CA GLU B 85 -2.51 16.04 -5.36
C GLU B 85 -2.03 14.89 -4.46
N ALA B 86 -2.15 15.06 -3.15
CA ALA B 86 -1.72 14.01 -2.22
C ALA B 86 -2.49 12.73 -2.50
N ALA B 87 -3.79 12.87 -2.77
CA ALA B 87 -4.64 11.72 -3.05
C ALA B 87 -4.21 11.04 -4.34
N GLN B 88 -3.93 11.83 -5.36
CA GLN B 88 -3.51 11.27 -6.64
C GLN B 88 -2.12 10.63 -6.55
N MET B 89 -1.26 11.17 -5.69
CA MET B 89 0.08 10.61 -5.51
C MET B 89 -0.05 9.24 -4.85
N ASP B 90 -1.00 9.13 -3.91
CA ASP B 90 -1.23 7.88 -3.24
C ASP B 90 -1.72 6.88 -4.28
N MET B 91 -2.61 7.33 -5.15
CA MET B 91 -3.15 6.47 -6.19
C MET B 91 -2.01 5.98 -7.06
N VAL B 92 -1.07 6.87 -7.36
CA VAL B 92 0.09 6.51 -8.16
C VAL B 92 0.90 5.47 -7.40
N ASN B 93 1.33 5.82 -6.19
CA ASN B 93 2.15 4.91 -5.39
C ASN B 93 1.56 3.51 -5.20
N ASP B 94 0.25 3.45 -5.02
CA ASP B 94 -0.42 2.15 -4.85
C ASP B 94 -0.24 1.30 -6.13
N GLY B 95 -0.38 1.94 -7.28
CA GLY B 95 -0.21 1.24 -8.54
C GLY B 95 1.20 0.73 -8.73
N VAL B 96 2.18 1.52 -8.29
CA VAL B 96 3.59 1.16 -8.38
C VAL B 96 3.86 -0.06 -7.48
N GLU B 97 3.27 -0.02 -6.29
CA GLU B 97 3.39 -1.11 -5.31
C GLU B 97 2.76 -2.39 -5.84
N ASP B 98 1.66 -2.25 -6.57
CA ASP B 98 0.98 -3.43 -7.13
C ASP B 98 1.90 -4.17 -8.10
N LEU B 99 2.57 -3.43 -8.97
CA LEU B 99 3.47 -4.06 -9.94
C LEU B 99 4.75 -4.57 -9.26
N ARG B 100 5.27 -3.83 -8.29
CA ARG B 100 6.50 -4.25 -7.60
C ARG B 100 6.30 -5.62 -6.95
N GLY B 101 5.13 -5.82 -6.34
CA GLY B 101 4.84 -7.10 -5.71
C GLY B 101 4.87 -8.25 -6.68
N LYS B 102 4.37 -8.01 -7.89
CA LYS B 102 4.36 -9.04 -8.92
C LYS B 102 5.79 -9.23 -9.40
N TYR B 103 6.53 -8.13 -9.53
CA TYR B 103 7.94 -8.20 -9.94
C TYR B 103 8.66 -9.07 -8.93
N VAL B 104 8.47 -8.78 -7.65
CA VAL B 104 9.13 -9.54 -6.59
C VAL B 104 8.83 -11.05 -6.65
N THR B 105 7.57 -11.41 -6.87
CA THR B 105 7.21 -12.81 -6.95
C THR B 105 7.93 -13.51 -8.11
N LEU B 106 8.01 -12.84 -9.26
CA LEU B 106 8.68 -13.40 -10.43
C LEU B 106 10.14 -13.72 -10.12
N ILE B 107 10.89 -12.68 -9.78
CA ILE B 107 12.31 -12.82 -9.48
C ILE B 107 12.65 -13.92 -8.45
N TYR B 108 11.97 -13.92 -7.31
CA TYR B 108 12.25 -14.88 -6.25
C TYR B 108 11.63 -16.28 -6.25
N THR B 109 10.57 -16.49 -7.01
CA THR B 109 9.91 -17.79 -7.01
C THR B 109 9.57 -18.38 -8.36
N ASN B 110 9.75 -17.63 -9.44
CA ASN B 110 9.39 -18.18 -10.74
C ASN B 110 9.97 -17.43 -11.95
N TYR B 111 11.21 -16.97 -11.80
CA TYR B 111 11.91 -16.23 -12.85
C TYR B 111 11.97 -16.97 -14.19
N GLU B 112 12.43 -18.22 -14.14
CA GLU B 112 12.59 -19.06 -15.32
C GLU B 112 11.32 -19.29 -16.16
N ASN B 113 10.31 -19.90 -15.56
CA ASN B 113 9.09 -20.18 -16.31
C ASN B 113 8.07 -19.04 -16.35
N GLY B 114 8.34 -17.94 -15.65
CA GLY B 114 7.39 -16.85 -15.66
C GLY B 114 7.79 -15.56 -16.36
N LYS B 115 9.09 -15.37 -16.58
CA LYS B 115 9.58 -14.15 -17.22
C LYS B 115 8.95 -13.87 -18.58
N ASN B 116 8.88 -14.89 -19.43
CA ASN B 116 8.30 -14.76 -20.76
C ASN B 116 6.92 -14.11 -20.67
N ASP B 117 6.03 -14.72 -19.90
CA ASP B 117 4.68 -14.20 -19.71
C ASP B 117 4.67 -12.83 -19.05
N TYR B 118 5.51 -12.66 -18.05
CA TYR B 118 5.59 -11.39 -17.33
C TYR B 118 5.92 -10.22 -18.26
N VAL B 119 7.01 -10.35 -19.03
CA VAL B 119 7.43 -9.30 -19.95
C VAL B 119 6.36 -9.02 -21.01
N LYS B 120 5.63 -10.06 -21.39
CA LYS B 120 4.56 -9.96 -22.38
C LYS B 120 3.42 -9.10 -21.80
N ALA B 121 3.13 -9.28 -20.52
CA ALA B 121 2.06 -8.53 -19.88
C ALA B 121 2.52 -7.20 -19.31
N LEU B 122 3.82 -6.96 -19.33
CA LEU B 122 4.40 -5.72 -18.79
C LEU B 122 3.86 -4.43 -19.41
N PRO B 123 3.72 -4.40 -20.75
CA PRO B 123 3.21 -3.17 -21.38
C PRO B 123 1.86 -2.75 -20.80
N GLY B 124 0.97 -3.72 -20.60
CA GLY B 124 -0.34 -3.40 -20.04
C GLY B 124 -0.29 -2.80 -18.65
N HIS B 125 0.76 -3.13 -17.89
CA HIS B 125 0.95 -2.63 -16.53
C HIS B 125 1.65 -1.28 -16.47
N LEU B 126 2.36 -0.93 -17.53
CA LEU B 126 3.07 0.34 -17.56
C LEU B 126 2.21 1.45 -18.18
N LYS B 127 1.35 1.06 -19.10
CA LYS B 127 0.48 1.99 -19.80
C LYS B 127 -0.19 3.02 -18.90
N PRO B 128 -0.79 2.57 -17.77
CA PRO B 128 -1.45 3.54 -16.88
C PRO B 128 -0.56 4.74 -16.51
N PHE B 129 0.72 4.49 -16.28
CA PHE B 129 1.64 5.56 -15.92
C PHE B 129 1.91 6.46 -17.13
N GLU B 130 1.97 5.85 -18.31
CA GLU B 130 2.18 6.64 -19.53
C GLU B 130 0.98 7.57 -19.65
N THR B 131 -0.21 7.04 -19.42
CA THR B 131 -1.43 7.83 -19.51
C THR B 131 -1.45 8.97 -18.49
N LEU B 132 -1.14 8.65 -17.24
CA LEU B 132 -1.13 9.66 -16.20
C LEU B 132 -0.25 10.85 -16.59
N LEU B 133 0.93 10.55 -17.13
CA LEU B 133 1.86 11.59 -17.54
C LEU B 133 1.29 12.44 -18.67
N SER B 134 0.61 11.79 -19.62
CA SER B 134 0.03 12.51 -20.75
C SER B 134 -1.07 13.46 -20.30
N GLN B 135 -1.51 13.29 -19.06
CA GLN B 135 -2.56 14.13 -18.52
C GLN B 135 -1.99 15.18 -17.57
N ASN B 136 -0.66 15.24 -17.48
CA ASN B 136 -0.01 16.21 -16.62
C ASN B 136 1.06 17.00 -17.39
N GLN B 137 0.63 18.06 -18.05
CA GLN B 137 1.53 18.90 -18.83
C GLN B 137 2.28 18.09 -19.88
N GLY B 138 1.53 17.23 -20.57
CA GLY B 138 2.12 16.40 -21.61
C GLY B 138 3.27 15.54 -21.12
N GLY B 139 3.35 15.33 -19.82
CA GLY B 139 4.42 14.51 -19.26
C GLY B 139 5.75 15.22 -19.17
N LYS B 140 5.72 16.54 -19.14
CA LYS B 140 6.94 17.34 -19.06
C LYS B 140 7.39 17.59 -17.63
N ALA B 141 6.45 17.53 -16.69
CA ALA B 141 6.74 17.75 -15.27
C ALA B 141 7.01 16.43 -14.54
N PHE B 142 6.18 16.12 -13.54
CA PHE B 142 6.33 14.89 -12.76
C PHE B 142 5.08 14.01 -12.88
N ILE B 143 5.05 12.92 -12.13
CA ILE B 143 3.91 12.01 -12.20
C ILE B 143 2.63 12.72 -11.76
N VAL B 144 2.75 13.56 -10.74
CA VAL B 144 1.62 14.34 -10.24
C VAL B 144 2.12 15.76 -9.95
N GLY B 145 1.54 16.74 -10.64
CA GLY B 145 1.94 18.13 -10.44
C GLY B 145 3.26 18.47 -11.09
N ASP B 146 3.87 19.58 -10.69
CA ASP B 146 5.13 19.98 -11.27
C ASP B 146 6.28 19.92 -10.27
N GLN B 147 6.02 19.34 -9.11
CA GLN B 147 7.02 19.21 -8.06
C GLN B 147 7.31 17.73 -7.83
N ILE B 148 8.59 17.40 -7.63
CA ILE B 148 8.99 16.02 -7.39
C ILE B 148 8.34 15.54 -6.09
N SER B 149 7.85 14.30 -6.07
CA SER B 149 7.22 13.75 -4.87
C SER B 149 7.73 12.34 -4.58
N PHE B 150 7.48 11.84 -3.39
CA PHE B 150 7.91 10.51 -3.01
C PHE B 150 7.44 9.49 -4.06
N ALA B 151 6.30 9.78 -4.68
CA ALA B 151 5.74 8.89 -5.68
C ALA B 151 6.63 8.79 -6.92
N ASP B 152 7.32 9.89 -7.24
CA ASP B 152 8.22 9.90 -8.40
C ASP B 152 9.41 8.98 -8.18
N TYR B 153 9.99 9.02 -6.98
CA TYR B 153 11.14 8.18 -6.69
C TYR B 153 10.77 6.69 -6.79
N ASN B 154 9.58 6.33 -6.33
CA ASN B 154 9.13 4.93 -6.36
C ASN B 154 8.88 4.47 -7.80
N LEU B 155 8.21 5.31 -8.59
CA LEU B 155 7.92 5.00 -9.99
C LEU B 155 9.22 4.91 -10.80
N LEU B 156 10.17 5.79 -10.51
CA LEU B 156 11.45 5.78 -11.22
C LEU B 156 12.19 4.48 -10.97
N ASP B 157 12.23 4.06 -9.72
CA ASP B 157 12.90 2.82 -9.38
C ASP B 157 12.24 1.66 -10.09
N LEU B 158 10.91 1.64 -10.06
CA LEU B 158 10.13 0.58 -10.70
C LEU B 158 10.45 0.47 -12.18
N LEU B 159 10.50 1.63 -12.85
CA LEU B 159 10.79 1.65 -14.28
C LEU B 159 12.23 1.22 -14.56
N LEU B 160 13.17 1.62 -13.70
CA LEU B 160 14.57 1.28 -13.89
C LEU B 160 14.83 -0.22 -13.77
N ILE B 161 14.27 -0.86 -12.74
CA ILE B 161 14.50 -2.28 -12.58
C ILE B 161 13.82 -3.08 -13.67
N HIS B 162 12.73 -2.57 -14.23
CA HIS B 162 12.06 -3.27 -15.30
C HIS B 162 12.81 -3.11 -16.63
N GLN B 163 13.60 -2.04 -16.73
CA GLN B 163 14.40 -1.78 -17.92
C GLN B 163 15.54 -2.81 -17.97
N VAL B 164 16.00 -3.24 -16.81
CA VAL B 164 17.06 -4.24 -16.72
C VAL B 164 16.43 -5.61 -16.97
N LEU B 165 15.21 -5.79 -16.51
CA LEU B 165 14.50 -7.04 -16.69
C LEU B 165 14.11 -7.21 -18.16
N ALA B 166 13.60 -6.15 -18.76
CA ALA B 166 13.18 -6.19 -20.15
C ALA B 166 13.68 -4.97 -20.90
N PRO B 167 14.88 -5.08 -21.51
CA PRO B 167 15.44 -3.94 -22.25
C PRO B 167 14.41 -3.45 -23.28
N GLY B 168 14.20 -2.14 -23.35
CA GLY B 168 13.24 -1.63 -24.30
C GLY B 168 11.81 -1.62 -23.78
N ALA B 169 11.66 -1.90 -22.50
CA ALA B 169 10.34 -1.92 -21.86
C ALA B 169 9.60 -0.60 -22.12
N LEU B 170 10.36 0.49 -22.28
CA LEU B 170 9.74 1.78 -22.52
C LEU B 170 9.83 2.24 -23.97
N ASP B 171 10.08 1.30 -24.88
CA ASP B 171 10.19 1.67 -26.28
C ASP B 171 8.90 2.27 -26.83
N ASN B 172 7.77 1.80 -26.34
CA ASN B 172 6.48 2.30 -26.79
C ASN B 172 5.86 3.30 -25.80
N PHE B 173 6.69 3.79 -24.90
CA PHE B 173 6.25 4.74 -23.88
C PHE B 173 7.24 5.89 -23.86
N PRO B 174 7.10 6.82 -24.81
CA PRO B 174 7.99 7.99 -24.91
C PRO B 174 8.03 8.90 -23.69
N LEU B 175 6.88 9.15 -23.09
CA LEU B 175 6.82 10.00 -21.90
C LEU B 175 7.53 9.36 -20.72
N LEU B 176 7.36 8.05 -20.56
CA LEU B 176 8.02 7.35 -19.46
C LEU B 176 9.52 7.27 -19.75
N SER B 177 9.87 7.08 -21.01
CA SER B 177 11.27 6.99 -21.43
C SER B 177 12.01 8.27 -21.07
N ALA B 178 11.40 9.40 -21.40
CA ALA B 178 11.99 10.71 -21.12
C ALA B 178 11.95 10.97 -19.61
N TYR B 179 10.83 10.63 -19.00
CA TYR B 179 10.62 10.80 -17.57
C TYR B 179 11.81 10.23 -16.81
N VAL B 180 12.18 9.00 -17.16
CA VAL B 180 13.29 8.30 -16.53
C VAL B 180 14.65 8.96 -16.79
N ALA B 181 14.86 9.38 -18.04
CA ALA B 181 16.11 10.03 -18.43
C ALA B 181 16.31 11.33 -17.66
N ARG B 182 15.29 12.18 -17.68
CA ARG B 182 15.31 13.46 -16.99
C ARG B 182 15.65 13.33 -15.50
N LEU B 183 14.80 12.63 -14.76
CA LEU B 183 15.03 12.45 -13.33
C LEU B 183 16.38 11.82 -13.01
N SER B 184 16.79 10.84 -13.81
CA SER B 184 18.08 10.19 -13.60
C SER B 184 19.21 11.17 -13.87
N ALA B 185 18.89 12.20 -14.66
CA ALA B 185 19.87 13.23 -15.01
C ALA B 185 20.02 14.27 -13.90
N ARG B 186 19.09 14.25 -12.94
CA ARG B 186 19.16 15.17 -11.83
C ARG B 186 20.50 14.96 -11.14
N PRO B 187 21.23 16.05 -10.86
CA PRO B 187 22.54 16.02 -10.21
C PRO B 187 22.67 15.11 -8.99
N LYS B 188 21.82 15.32 -7.98
CA LYS B 188 21.87 14.50 -6.77
C LYS B 188 21.60 13.03 -7.08
N ILE B 189 20.58 12.77 -7.88
CA ILE B 189 20.21 11.40 -8.25
C ILE B 189 21.30 10.75 -9.11
N LYS B 190 21.73 11.45 -10.16
CA LYS B 190 22.77 10.95 -11.04
C LYS B 190 24.01 10.54 -10.24
N ALA B 191 24.36 11.36 -9.25
CA ALA B 191 25.52 11.07 -8.42
C ALA B 191 25.31 9.77 -7.66
N PHE B 192 24.08 9.57 -7.15
CA PHE B 192 23.74 8.38 -6.39
C PHE B 192 23.88 7.11 -7.24
N LEU B 193 23.25 7.14 -8.42
CA LEU B 193 23.28 6.00 -9.32
C LEU B 193 24.71 5.58 -9.71
N SER B 194 25.65 6.52 -9.66
CA SER B 194 27.04 6.24 -10.01
C SER B 194 27.90 5.93 -8.79
N SER B 195 27.32 6.03 -7.59
CA SER B 195 28.07 5.76 -6.38
C SER B 195 28.36 4.26 -6.23
N PRO B 196 29.56 3.92 -5.73
CA PRO B 196 29.93 2.51 -5.55
C PRO B 196 29.00 1.72 -4.64
N GLU B 197 28.41 2.37 -3.64
CA GLU B 197 27.50 1.67 -2.74
C GLU B 197 26.27 1.18 -3.50
N HIS B 198 25.85 1.96 -4.50
CA HIS B 198 24.71 1.62 -5.33
C HIS B 198 25.11 0.64 -6.44
N VAL B 199 26.11 1.04 -7.22
CA VAL B 199 26.60 0.22 -8.32
C VAL B 199 26.92 -1.22 -7.92
N ASN B 200 27.63 -1.39 -6.80
CA ASN B 200 28.04 -2.71 -6.30
C ASN B 200 26.90 -3.51 -5.70
N ARG B 201 25.85 -2.82 -5.29
CA ARG B 201 24.70 -3.45 -4.66
C ARG B 201 23.75 -4.08 -5.69
N PRO B 202 23.49 -5.38 -5.54
CA PRO B 202 22.60 -6.11 -6.45
C PRO B 202 21.14 -5.63 -6.31
N ILE B 203 20.39 -5.74 -7.40
CA ILE B 203 19.00 -5.31 -7.38
C ILE B 203 18.20 -6.17 -6.44
N ASN B 204 18.40 -7.48 -6.52
CA ASN B 204 17.68 -8.42 -5.69
C ASN B 204 18.64 -9.33 -4.91
N GLY B 205 18.09 -10.11 -3.98
CA GLY B 205 18.94 -10.97 -3.17
C GLY B 205 19.31 -12.33 -3.73
N ASN B 206 18.71 -12.72 -4.85
CA ASN B 206 18.98 -14.03 -5.43
C ASN B 206 19.80 -13.97 -6.72
N GLY B 207 20.45 -12.84 -6.96
CA GLY B 207 21.25 -12.71 -8.17
C GLY B 207 20.50 -12.62 -9.49
N LYS B 208 19.18 -12.50 -9.44
CA LYS B 208 18.40 -12.39 -10.66
C LYS B 208 17.88 -10.97 -10.87
N GLN B 209 17.66 -10.60 -12.14
CA GLN B 209 17.20 -9.26 -12.49
C GLN B 209 16.72 -9.18 -13.94
N1 GTB C . -4.92 -2.50 -5.38
CA1 GTB C . -6.21 -2.45 -5.97
C1 GTB C . -6.95 -1.75 -4.82
O11 GTB C . -7.92 -1.06 -5.09
O12 GTB C . -6.57 -1.89 -3.62
CB1 GTB C . -6.71 -3.86 -6.18
CG1 GTB C . -8.07 -3.88 -6.87
CD1 GTB C . -8.65 -5.26 -7.14
OE1 GTB C . -8.10 -6.32 -6.82
N2 GTB C . -9.83 -5.13 -7.77
CA2 GTB C . -10.67 -6.27 -8.22
C2 GTB C . -11.09 -6.09 -9.66
O2 GTB C . -11.36 -4.94 -10.04
CB2 GTB C . -11.96 -6.38 -7.40
SG2 GTB C . -11.76 -6.63 -5.60
N3 GTB C . -11.20 -7.18 -10.46
CA3 GTB C . -11.63 -7.03 -11.86
C3 GTB C . -10.52 -7.27 -12.87
O31 GTB C . -10.86 -7.45 -14.05
O32 GTB C . -9.34 -7.26 -12.48
C' GTB C . -11.93 -8.45 -5.62
C1' GTB C . -13.23 -8.89 -6.29
C2' GTB C . -14.46 -8.54 -5.70
C3' GTB C . -15.68 -8.91 -6.30
C4' GTB C . -15.67 -9.64 -7.52
N41 GTB C . -16.99 -10.03 -8.16
O41 GTB C . -18.05 -9.72 -7.67
O42 GTB C . -16.97 -10.66 -9.20
C5' GTB C . -14.43 -10.01 -8.11
C6' GTB C . -13.21 -9.63 -7.51
N1 GTB D . 5.26 -4.71 2.80
CA1 GTB D . 6.56 -4.88 3.33
C1 GTB D . 7.19 -3.55 2.87
O11 GTB D . 6.74 -2.97 1.88
O12 GTB D . 8.14 -3.06 3.49
CB1 GTB D . 7.20 -6.07 2.70
CG1 GTB D . 8.59 -6.34 3.29
CD1 GTB D . 9.27 -7.56 2.69
OE1 GTB D . 8.77 -8.25 1.80
N2 GTB D . 10.45 -7.74 3.28
CA2 GTB D . 11.35 -8.85 2.96
C2 GTB D . 11.72 -9.58 4.23
O2 GTB D . 11.90 -8.90 5.24
CB2 GTB D . 12.63 -8.33 2.34
SG2 GTB D . 12.41 -7.41 0.77
N3 GTB D . 11.83 -10.91 4.21
CA3 GTB D . 12.20 -11.63 5.44
C3 GTB D . 11.13 -12.57 5.91
O31 GTB D . 11.47 -13.48 6.67
O32 GTB D . 9.95 -12.40 5.51
C' GTB D . 12.71 -8.81 -0.38
C1' GTB D . 14.06 -9.47 -0.15
C2' GTB D . 15.23 -8.68 -0.28
C3' GTB D . 16.50 -9.25 -0.06
C4' GTB D . 16.60 -10.63 0.28
N41 GTB D . 17.95 -11.24 0.51
O41 GTB D . 18.97 -10.57 0.41
O42 GTB D . 18.03 -12.41 0.80
C5' GTB D . 15.42 -11.42 0.40
C6' GTB D . 14.16 -10.83 0.19
#